data_4LMW
#
_entry.id   4LMW
#
_cell.length_a   87.000
_cell.length_b   87.000
_cell.length_c   225.703
_cell.angle_alpha   90.00
_cell.angle_beta   90.00
_cell.angle_gamma   120.00
#
_symmetry.space_group_name_H-M   'P 61 2 2'
#
loop_
_entity.id
_entity.type
_entity.pdbx_description
1 polymer 'Glutathione transferase'
2 non-polymer 'FORMIC ACID'
3 water water
#
_entity_poly.entity_id   1
_entity_poly.type   'polypeptide(L)'
_entity_poly.pdbx_seq_one_letter_code
;MSLEPIIFYDIPANEPRQMAWGPNTWKTRYVLNFKGLKYRTEWVEYPDIEAVCKQIGAPATEKKPDGRDHYTLPVIQDPN
TKAVVADSDAIAKYLESTYPDTPRLFPEGTRAFQHAFYQLARPSVLMPIFNIVVARVWKLLRPRSQEYFRATREQMLGKK
LEEIGSEDDWNALESGLARIKSSLEANGAGKDLLLMGDRVTFADLQLASLFIWLRVSAGEESEDWKRFLSLHEGKWAKFM
QQFAAYEFVDV
;
_entity_poly.pdbx_strand_id   A
#
# COMPACT_ATOMS: atom_id res chain seq x y z
N SER A 2 6.88 21.86 17.52
CA SER A 2 7.99 21.34 18.30
C SER A 2 8.11 19.81 18.24
N LEU A 3 7.22 19.16 17.48
CA LEU A 3 7.32 17.71 17.28
C LEU A 3 8.48 17.37 16.35
N GLU A 4 9.23 16.33 16.69
CA GLU A 4 10.26 15.80 15.79
C GLU A 4 9.65 14.91 14.70
N PRO A 5 10.21 14.95 13.49
CA PRO A 5 9.67 14.14 12.39
C PRO A 5 9.70 12.64 12.71
N ILE A 6 8.61 11.96 12.39
CA ILE A 6 8.58 10.51 12.52
C ILE A 6 9.47 9.95 11.42
N ILE A 7 10.28 8.95 11.73
CA ILE A 7 11.08 8.30 10.69
C ILE A 7 10.27 7.16 10.06
N PHE A 8 10.13 7.20 8.74
CA PHE A 8 9.31 6.23 7.99
C PHE A 8 10.23 5.45 7.04
N TYR A 9 10.27 4.13 7.22
CA TYR A 9 11.16 3.28 6.45
C TYR A 9 10.42 2.71 5.24
N ASP A 10 10.96 2.98 4.06
CA ASP A 10 10.30 2.64 2.81
C ASP A 10 11.37 2.07 1.86
N ILE A 11 10.94 1.47 0.76
CA ILE A 11 11.88 0.85 -0.20
C ILE A 11 12.05 1.73 -1.44
N PRO A 12 13.30 2.12 -1.75
CA PRO A 12 13.51 3.06 -2.85
C PRO A 12 13.36 2.41 -4.23
N ALA A 13 13.56 3.20 -5.29
CA ALA A 13 13.61 2.70 -6.67
C ALA A 13 14.76 3.40 -7.40
N ASN A 14 15.03 3.00 -8.65
CA ASN A 14 16.10 3.65 -9.42
C ASN A 14 15.61 4.79 -10.29
N GLU A 15 14.46 5.36 -9.95
CA GLU A 15 13.91 6.53 -10.63
C GLU A 15 13.06 7.31 -9.64
N PRO A 16 13.25 8.64 -9.58
CA PRO A 16 12.57 9.49 -8.59
C PRO A 16 11.04 9.36 -8.58
N ARG A 17 10.43 9.30 -9.77
CA ARG A 17 8.97 9.21 -9.88
C ARG A 17 8.44 7.93 -9.23
N GLN A 18 9.32 6.95 -9.08
CA GLN A 18 8.96 5.63 -8.60
C GLN A 18 9.51 5.32 -7.20
N MET A 19 10.19 6.29 -6.59
CA MET A 19 10.78 6.10 -5.27
C MET A 19 9.78 5.49 -4.27
N ALA A 20 8.61 6.10 -4.16
CA ALA A 20 7.52 5.52 -3.37
C ALA A 20 6.61 4.69 -4.27
N TRP A 21 6.70 3.37 -4.16
CA TRP A 21 5.93 2.47 -5.02
C TRP A 21 5.13 1.38 -4.27
N GLY A 22 5.55 1.02 -3.06
CA GLY A 22 5.02 -0.18 -2.43
C GLY A 22 3.55 -0.09 -2.03
N PRO A 23 2.79 -1.19 -2.20
CA PRO A 23 1.37 -1.14 -1.83
C PRO A 23 1.19 -1.04 -0.32
N ASN A 24 2.08 -1.67 0.43
CA ASN A 24 1.98 -1.62 1.89
C ASN A 24 2.59 -0.38 2.50
N THR A 25 3.71 0.08 1.93
CA THR A 25 4.34 1.29 2.44
C THR A 25 3.49 2.52 2.11
N TRP A 26 2.82 2.49 0.98
CA TRP A 26 1.86 3.53 0.63
C TRP A 26 0.68 3.63 1.62
N LYS A 27 0.34 2.55 2.30
CA LYS A 27 -0.71 2.61 3.33
C LYS A 27 -0.25 3.57 4.44
N THR A 28 1.03 3.47 4.81
CA THR A 28 1.58 4.30 5.86
C THR A 28 1.83 5.74 5.38
N ARG A 29 2.36 5.89 4.17
CA ARG A 29 2.53 7.22 3.59
C ARG A 29 1.21 7.96 3.45
N TYR A 30 0.17 7.26 3.00
CA TYR A 30 -1.16 7.85 2.92
C TYR A 30 -1.64 8.30 4.31
N VAL A 31 -1.45 7.47 5.32
CA VAL A 31 -1.88 7.83 6.66
C VAL A 31 -1.11 9.06 7.17
N LEU A 32 0.21 9.04 7.00
CA LEU A 32 1.05 10.15 7.44
C LEU A 32 0.62 11.46 6.76
N ASN A 33 0.51 11.43 5.44
CA ASN A 33 0.03 12.58 4.67
C ASN A 33 -1.37 13.04 5.07
N PHE A 34 -2.29 12.10 5.16
CA PHE A 34 -3.67 12.42 5.49
C PHE A 34 -3.78 13.04 6.88
N LYS A 35 -3.00 12.52 7.83
CA LYS A 35 -3.07 12.97 9.20
C LYS A 35 -2.26 14.26 9.40
N GLY A 36 -1.46 14.60 8.40
CA GLY A 36 -0.66 15.81 8.43
C GLY A 36 0.48 15.75 9.43
N LEU A 37 1.05 14.56 9.59
CA LEU A 37 2.15 14.38 10.51
C LEU A 37 3.46 14.66 9.78
N LYS A 38 4.40 15.27 10.49
CA LYS A 38 5.73 15.52 9.94
C LYS A 38 6.55 14.25 10.00
N TYR A 39 7.17 13.89 8.89
CA TYR A 39 7.96 12.68 8.83
C TYR A 39 9.11 12.84 7.85
N ARG A 40 10.08 11.94 7.95
CA ARG A 40 11.08 11.81 6.92
C ARG A 40 11.23 10.33 6.54
N THR A 41 11.42 10.08 5.25
CA THR A 41 11.63 8.73 4.78
C THR A 41 13.09 8.32 4.91
N GLU A 42 13.32 7.19 5.57
CA GLU A 42 14.63 6.52 5.52
C GLU A 42 14.48 5.42 4.48
N TRP A 43 15.23 5.52 3.38
CA TRP A 43 15.09 4.57 2.26
C TRP A 43 15.93 3.31 2.47
N VAL A 44 15.28 2.15 2.49
CA VAL A 44 15.95 0.88 2.83
C VAL A 44 15.76 -0.20 1.76
N GLU A 45 16.87 -0.73 1.23
CA GLU A 45 16.81 -1.80 0.22
C GLU A 45 16.32 -3.11 0.81
N TYR A 46 15.60 -3.87 0.00
CA TYR A 46 15.09 -5.20 0.37
C TYR A 46 16.02 -6.07 1.23
N PRO A 47 17.27 -6.31 0.78
CA PRO A 47 18.09 -7.20 1.60
C PRO A 47 18.55 -6.58 2.93
N ASP A 48 18.36 -5.27 3.10
CA ASP A 48 18.79 -4.58 4.31
C ASP A 48 17.68 -4.37 5.32
N ILE A 49 16.47 -4.80 4.97
CA ILE A 49 15.30 -4.62 5.82
C ILE A 49 15.44 -5.35 7.16
N GLU A 50 15.86 -6.61 7.13
CA GLU A 50 16.05 -7.39 8.35
C GLU A 50 17.08 -6.73 9.27
N ALA A 51 18.19 -6.30 8.67
CA ALA A 51 19.25 -5.64 9.42
C ALA A 51 18.79 -4.34 10.08
N VAL A 52 18.12 -3.49 9.33
CA VAL A 52 17.63 -2.23 9.86
C VAL A 52 16.60 -2.47 10.98
N CYS A 53 15.66 -3.37 10.75
CA CYS A 53 14.67 -3.71 11.76
C CYS A 53 15.32 -4.14 13.06
N LYS A 54 16.27 -5.06 12.97
CA LYS A 54 16.97 -5.59 14.14
C LYS A 54 17.69 -4.47 14.86
N GLN A 55 18.27 -3.58 14.09
CA GLN A 55 19.04 -2.49 14.64
C GLN A 55 18.18 -1.46 15.41
N ILE A 56 16.90 -1.37 15.09
CA ILE A 56 16.04 -0.37 15.73
C ILE A 56 14.97 -0.97 16.63
N GLY A 57 14.91 -2.29 16.67
CA GLY A 57 13.99 -2.97 17.54
C GLY A 57 12.59 -3.10 16.95
N ALA A 58 12.51 -3.06 15.62
CA ALA A 58 11.24 -3.31 14.94
C ALA A 58 10.99 -4.81 14.88
N PRO A 59 9.79 -5.25 15.30
CA PRO A 59 9.49 -6.69 15.27
C PRO A 59 9.33 -7.22 13.84
N ALA A 60 9.36 -8.53 13.67
CA ALA A 60 9.02 -9.13 12.38
C ALA A 60 7.52 -9.26 12.34
N THR A 61 6.96 -9.22 11.14
CA THR A 61 5.51 -9.14 10.94
C THR A 61 4.93 -10.51 10.61
N GLU A 62 5.81 -11.47 10.35
CA GLU A 62 5.36 -12.81 10.00
C GLU A 62 6.53 -13.78 9.94
N LYS A 63 6.20 -15.05 9.75
CA LYS A 63 7.18 -16.11 9.63
C LYS A 63 7.18 -16.61 8.19
N LYS A 64 8.34 -17.08 7.73
CA LYS A 64 8.46 -17.71 6.41
C LYS A 64 7.80 -19.11 6.44
N PRO A 65 7.82 -19.84 5.31
CA PRO A 65 7.36 -21.24 5.40
C PRO A 65 8.19 -22.11 6.37
N ASP A 66 9.48 -21.83 6.51
CA ASP A 66 10.34 -22.58 7.45
C ASP A 66 10.21 -22.12 8.91
N GLY A 67 9.32 -21.18 9.17
CA GLY A 67 9.09 -20.70 10.52
C GLY A 67 10.07 -19.62 10.95
N ARG A 68 11.03 -19.32 10.09
CA ARG A 68 12.01 -18.28 10.34
C ARG A 68 11.35 -16.89 10.26
N ASP A 69 11.76 -15.99 11.15
CA ASP A 69 11.25 -14.62 11.15
C ASP A 69 11.43 -13.91 9.82
N HIS A 70 10.38 -13.21 9.39
CA HIS A 70 10.41 -12.43 8.16
C HIS A 70 10.10 -10.95 8.43
N TYR A 71 11.07 -10.09 8.16
CA TYR A 71 10.95 -8.67 8.45
C TYR A 71 10.48 -7.89 7.22
N THR A 72 9.48 -7.03 7.42
CA THR A 72 8.91 -6.26 6.33
C THR A 72 8.79 -4.77 6.63
N LEU A 73 8.75 -3.97 5.58
CA LEU A 73 8.39 -2.57 5.70
C LEU A 73 6.94 -2.46 5.20
N PRO A 74 6.21 -1.40 5.62
CA PRO A 74 6.62 -0.21 6.38
C PRO A 74 6.89 -0.49 7.85
N VAL A 75 7.79 0.32 8.40
CA VAL A 75 8.04 0.43 9.83
C VAL A 75 8.14 1.92 10.08
N ILE A 76 7.73 2.39 11.25
CA ILE A 76 8.04 3.77 11.64
C ILE A 76 8.78 3.81 12.95
N GLN A 77 9.61 4.82 13.12
CA GLN A 77 10.22 5.10 14.40
C GLN A 77 9.84 6.52 14.80
N ASP A 78 9.18 6.64 15.95
CA ASP A 78 8.66 7.91 16.41
C ASP A 78 9.55 8.42 17.55
N PRO A 79 10.39 9.43 17.26
CA PRO A 79 11.32 10.00 18.25
C PRO A 79 10.59 10.67 19.42
N ASN A 80 9.37 11.13 19.17
CA ASN A 80 8.60 11.81 20.19
C ASN A 80 8.12 10.91 21.30
N THR A 81 8.02 9.61 21.03
CA THR A 81 7.55 8.66 22.02
C THR A 81 8.48 7.47 22.19
N LYS A 82 9.49 7.38 21.32
CA LYS A 82 10.38 6.21 21.24
C LYS A 82 9.71 4.92 20.74
N ALA A 83 8.47 5.03 20.27
CA ALA A 83 7.80 3.89 19.65
C ALA A 83 8.46 3.48 18.33
N VAL A 84 8.59 2.16 18.15
CA VAL A 84 8.94 1.59 16.86
C VAL A 84 7.87 0.57 16.50
N VAL A 85 7.18 0.80 15.38
CA VAL A 85 6.02 0.01 15.01
C VAL A 85 6.13 -0.52 13.58
N ALA A 86 5.84 -1.80 13.39
CA ALA A 86 5.85 -2.42 12.07
C ALA A 86 4.42 -2.80 11.68
N ASP A 87 4.23 -3.12 10.41
CA ASP A 87 2.93 -3.53 9.83
C ASP A 87 2.01 -2.32 9.66
N SER A 88 1.55 -2.08 8.43
CA SER A 88 0.82 -0.88 8.13
C SER A 88 -0.49 -0.70 8.95
N ASP A 89 -1.15 -1.81 9.30
CA ASP A 89 -2.38 -1.75 10.09
C ASP A 89 -2.04 -1.28 11.51
N ALA A 90 -1.03 -1.90 12.09
CA ALA A 90 -0.55 -1.55 13.42
C ALA A 90 -0.05 -0.10 13.44
N ILE A 91 0.61 0.31 12.37
CA ILE A 91 1.11 1.68 12.26
C ILE A 91 -0.05 2.69 12.23
N ALA A 92 -1.07 2.41 11.40
CA ALA A 92 -2.26 3.29 11.33
C ALA A 92 -2.92 3.47 12.70
N LYS A 93 -3.15 2.36 13.40
CA LYS A 93 -3.81 2.39 14.70
C LYS A 93 -2.94 3.07 15.73
N TYR A 94 -1.62 2.89 15.62
CA TYR A 94 -0.69 3.60 16.49
C TYR A 94 -0.82 5.12 16.31
N LEU A 95 -0.85 5.56 15.07
CA LEU A 95 -0.91 6.99 14.80
C LEU A 95 -2.26 7.58 15.24
N GLU A 96 -3.34 6.84 14.99
CA GLU A 96 -4.69 7.20 15.46
C GLU A 96 -4.71 7.43 16.97
N SER A 97 -4.12 6.48 17.68
CA SER A 97 -4.14 6.45 19.14
C SER A 97 -3.17 7.46 19.78
N THR A 98 -1.98 7.58 19.20
CA THR A 98 -0.93 8.42 19.76
C THR A 98 -1.08 9.91 19.37
N TYR A 99 -1.74 10.17 18.24
CA TYR A 99 -1.99 11.54 17.82
C TYR A 99 -3.50 11.79 17.65
N PRO A 100 -4.25 11.79 18.77
CA PRO A 100 -5.72 11.81 18.67
C PRO A 100 -6.29 13.08 18.03
N ASP A 101 -5.52 14.18 18.05
CA ASP A 101 -5.95 15.41 17.39
C ASP A 101 -5.92 15.32 15.85
N THR A 102 -5.17 14.38 15.29
CA THR A 102 -5.14 14.25 13.83
C THR A 102 -6.47 13.70 13.31
N PRO A 103 -6.79 13.94 12.02
CA PRO A 103 -7.99 13.39 11.36
C PRO A 103 -8.16 11.88 11.59
N ARG A 104 -9.36 11.49 12.00
CA ARG A 104 -9.64 10.11 12.41
C ARG A 104 -9.75 9.17 11.21
N LEU A 105 -9.19 7.97 11.35
CA LEU A 105 -9.34 6.97 10.30
C LEU A 105 -10.09 5.74 10.82
N PHE A 106 -10.32 5.68 12.13
CA PHE A 106 -11.03 4.56 12.75
C PHE A 106 -12.27 4.96 13.58
N PRO A 107 -13.37 5.33 12.91
CA PRO A 107 -14.61 5.65 13.62
C PRO A 107 -15.08 4.47 14.47
N GLU A 108 -15.77 4.77 15.57
CA GLU A 108 -16.22 3.74 16.48
C GLU A 108 -17.11 2.70 15.79
N GLY A 109 -16.92 1.44 16.18
CA GLY A 109 -17.69 0.34 15.63
C GLY A 109 -17.28 -0.08 14.23
N THR A 110 -16.17 0.45 13.71
CA THR A 110 -15.79 0.13 12.33
C THR A 110 -14.57 -0.76 12.18
N ARG A 111 -13.91 -1.10 13.28
CA ARG A 111 -12.61 -1.77 13.18
C ARG A 111 -12.70 -3.18 12.59
N ALA A 112 -13.67 -3.99 13.03
CA ALA A 112 -13.87 -5.29 12.39
C ALA A 112 -14.27 -5.15 10.93
N PHE A 113 -15.20 -4.23 10.64
CA PHE A 113 -15.67 -4.01 9.27
C PHE A 113 -14.52 -3.62 8.35
N GLN A 114 -13.62 -2.76 8.85
CA GLN A 114 -12.48 -2.32 8.05
C GLN A 114 -11.51 -3.49 7.81
N HIS A 115 -11.26 -4.26 8.86
CA HIS A 115 -10.40 -5.41 8.75
C HIS A 115 -10.97 -6.41 7.74
N ALA A 116 -12.27 -6.69 7.84
CA ALA A 116 -12.92 -7.63 6.90
C ALA A 116 -12.87 -7.13 5.46
N PHE A 117 -13.04 -5.81 5.28
CA PHE A 117 -12.97 -5.23 3.96
C PHE A 117 -11.62 -5.50 3.27
N TYR A 118 -10.51 -5.33 4.00
CA TYR A 118 -9.22 -5.57 3.39
C TYR A 118 -8.99 -7.07 3.17
N GLN A 119 -9.58 -7.91 4.01
CA GLN A 119 -9.52 -9.34 3.72
C GLN A 119 -10.25 -9.68 2.41
N LEU A 120 -11.29 -8.92 2.08
CA LEU A 120 -11.96 -9.13 0.79
C LEU A 120 -11.11 -8.55 -0.35
N ALA A 121 -10.54 -7.37 -0.14
CA ALA A 121 -9.77 -6.70 -1.20
C ALA A 121 -8.46 -7.41 -1.53
N ARG A 122 -7.80 -7.98 -0.52
CA ARG A 122 -6.47 -8.55 -0.75
C ARG A 122 -6.45 -9.62 -1.85
N PRO A 123 -7.26 -10.69 -1.71
CA PRO A 123 -7.29 -11.72 -2.76
C PRO A 123 -7.89 -11.21 -4.08
N SER A 124 -8.87 -10.31 -4.01
CA SER A 124 -9.58 -9.92 -5.22
C SER A 124 -9.00 -8.70 -5.95
N VAL A 125 -8.12 -7.95 -5.30
CA VAL A 125 -7.58 -6.74 -5.92
C VAL A 125 -6.06 -6.71 -5.86
N LEU A 126 -5.48 -6.93 -4.68
CA LEU A 126 -4.02 -6.97 -4.56
C LEU A 126 -3.42 -8.06 -5.41
N MET A 127 -3.94 -9.28 -5.30
CA MET A 127 -3.34 -10.40 -6.04
C MET A 127 -3.35 -10.24 -7.57
N PRO A 128 -4.50 -9.83 -8.17
CA PRO A 128 -4.41 -9.55 -9.61
C PRO A 128 -3.44 -8.42 -9.96
N ILE A 129 -3.42 -7.34 -9.20
CA ILE A 129 -2.47 -6.25 -9.50
C ILE A 129 -1.02 -6.71 -9.36
N PHE A 130 -0.76 -7.58 -8.38
CA PHE A 130 0.57 -8.17 -8.22
C PHE A 130 1.01 -8.85 -9.52
N ASN A 131 0.17 -9.73 -10.06
CA ASN A 131 0.51 -10.46 -11.28
C ASN A 131 0.76 -9.51 -12.43
N ILE A 132 -0.04 -8.44 -12.48
CA ILE A 132 0.07 -7.46 -13.54
C ILE A 132 1.39 -6.68 -13.50
N VAL A 133 1.84 -6.30 -12.31
CA VAL A 133 2.98 -5.39 -12.21
C VAL A 133 4.31 -6.00 -11.75
N VAL A 134 4.32 -7.27 -11.35
CA VAL A 134 5.49 -7.80 -10.62
C VAL A 134 6.81 -7.68 -11.41
N ALA A 135 6.74 -7.89 -12.71
CA ALA A 135 7.93 -7.76 -13.58
C ALA A 135 8.45 -6.33 -13.62
N ARG A 136 7.55 -5.37 -13.76
CA ARG A 136 7.90 -3.95 -13.71
C ARG A 136 8.33 -3.47 -12.33
N VAL A 137 7.88 -4.15 -11.28
CA VAL A 137 8.37 -3.85 -9.93
C VAL A 137 9.86 -4.17 -9.86
N TRP A 138 10.22 -5.37 -10.27
CA TRP A 138 11.60 -5.81 -10.30
C TRP A 138 12.43 -4.81 -11.12
N LYS A 139 11.85 -4.33 -12.19
CA LYS A 139 12.52 -3.41 -13.10
C LYS A 139 12.80 -2.07 -12.44
N LEU A 140 11.92 -1.59 -11.56
CA LEU A 140 12.13 -0.27 -10.97
C LEU A 140 13.02 -0.29 -9.71
N LEU A 141 13.35 -1.47 -9.22
CA LEU A 141 14.17 -1.59 -8.01
C LEU A 141 15.65 -1.38 -8.33
N ARG A 142 16.40 -0.90 -7.35
CA ARG A 142 17.85 -0.80 -7.47
C ARG A 142 18.45 -2.22 -7.40
N PRO A 143 19.70 -2.39 -7.88
CA PRO A 143 20.26 -3.75 -8.11
C PRO A 143 20.31 -4.74 -6.93
N ARG A 144 20.70 -4.29 -5.75
CA ARG A 144 20.70 -5.19 -4.58
C ARG A 144 19.29 -5.61 -4.23
N SER A 145 18.36 -4.66 -4.31
CA SER A 145 16.94 -4.96 -4.17
C SER A 145 16.43 -5.90 -5.27
N GLN A 146 16.91 -5.73 -6.50
CA GLN A 146 16.47 -6.57 -7.62
C GLN A 146 16.71 -8.06 -7.40
N GLU A 147 17.89 -8.42 -6.92
CA GLU A 147 18.24 -9.82 -6.82
C GLU A 147 17.43 -10.50 -5.74
N TYR A 148 17.33 -9.81 -4.61
CA TYR A 148 16.53 -10.25 -3.48
C TYR A 148 15.07 -10.41 -3.91
N PHE A 149 14.53 -9.40 -4.59
CA PHE A 149 13.15 -9.43 -5.00
C PHE A 149 12.88 -10.57 -5.98
N ARG A 150 13.72 -10.69 -7.01
CA ARG A 150 13.52 -11.77 -7.97
C ARG A 150 13.61 -13.13 -7.29
N ALA A 151 14.66 -13.35 -6.52
CA ALA A 151 14.88 -14.63 -5.86
C ALA A 151 13.73 -15.03 -4.95
N THR A 152 13.26 -14.09 -4.12
CA THR A 152 12.14 -14.37 -3.21
C THR A 152 10.82 -14.65 -3.95
N ARG A 153 10.35 -13.70 -4.76
CA ARG A 153 9.10 -13.88 -5.48
C ARG A 153 9.08 -15.15 -6.33
N GLU A 154 10.14 -15.40 -7.10
CA GLU A 154 10.21 -16.61 -7.92
C GLU A 154 10.19 -17.91 -7.11
N GLN A 155 10.92 -17.95 -5.99
CA GLN A 155 10.91 -19.13 -5.12
C GLN A 155 9.51 -19.42 -4.64
N MET A 156 8.75 -18.35 -4.41
CA MET A 156 7.36 -18.46 -3.98
C MET A 156 6.45 -18.87 -5.13
N LEU A 157 6.67 -18.28 -6.30
CA LEU A 157 5.78 -18.48 -7.44
C LEU A 157 6.15 -19.69 -8.31
N GLY A 158 7.36 -20.20 -8.12
CA GLY A 158 7.86 -21.32 -8.92
C GLY A 158 7.81 -21.05 -10.42
N LYS A 159 8.10 -19.82 -10.80
CA LYS A 159 7.91 -19.34 -12.15
C LYS A 159 8.77 -18.09 -12.34
N LYS A 160 9.39 -17.92 -13.52
CA LYS A 160 10.14 -16.69 -13.78
C LYS A 160 9.17 -15.52 -13.76
N LEU A 161 9.65 -14.37 -13.29
CA LEU A 161 8.81 -13.20 -13.19
C LEU A 161 8.21 -12.83 -14.55
N GLU A 162 8.99 -13.03 -15.60
CA GLU A 162 8.55 -12.72 -16.96
C GLU A 162 7.33 -13.54 -17.42
N GLU A 163 7.10 -14.67 -16.77
CA GLU A 163 6.04 -15.60 -17.18
C GLU A 163 4.71 -15.32 -16.45
N ILE A 164 4.70 -14.27 -15.63
CA ILE A 164 3.52 -13.85 -14.86
C ILE A 164 2.90 -12.60 -15.49
N GLY A 165 1.57 -12.49 -15.42
CA GLY A 165 0.89 -11.31 -15.92
C GLY A 165 0.18 -11.55 -17.23
N SER A 166 -1.03 -12.13 -17.14
CA SER A 166 -1.82 -12.44 -18.32
C SER A 166 -3.16 -11.71 -18.31
N GLU A 167 -3.98 -11.98 -19.32
CA GLU A 167 -5.27 -11.32 -19.44
C GLU A 167 -6.24 -11.80 -18.36
N ASP A 168 -5.99 -13.00 -17.84
CA ASP A 168 -6.81 -13.55 -16.77
C ASP A 168 -6.75 -12.67 -15.55
N ASP A 169 -5.65 -11.92 -15.42
CA ASP A 169 -5.43 -11.07 -14.27
C ASP A 169 -6.31 -9.83 -14.34
N TRP A 170 -6.41 -9.25 -15.53
CA TRP A 170 -7.33 -8.14 -15.75
C TRP A 170 -8.80 -8.53 -15.56
N ASN A 171 -9.14 -9.75 -15.94
CA ASN A 171 -10.50 -10.24 -15.70
C ASN A 171 -10.79 -10.37 -14.22
N ALA A 172 -9.84 -10.95 -13.49
CA ALA A 172 -9.96 -11.16 -12.06
C ALA A 172 -10.01 -9.82 -11.32
N LEU A 173 -9.23 -8.85 -11.80
CA LEU A 173 -9.21 -7.54 -11.18
C LEU A 173 -10.56 -6.86 -11.36
N GLU A 174 -11.09 -6.95 -12.58
CA GLU A 174 -12.38 -6.33 -12.89
C GLU A 174 -13.49 -6.93 -12.04
N SER A 175 -13.46 -8.25 -11.86
CA SER A 175 -14.44 -8.93 -11.02
C SER A 175 -14.33 -8.57 -9.54
N GLY A 176 -13.12 -8.46 -9.03
CA GLY A 176 -12.94 -8.04 -7.65
C GLY A 176 -13.45 -6.63 -7.43
N LEU A 177 -13.15 -5.74 -8.37
CA LEU A 177 -13.59 -4.36 -8.27
C LEU A 177 -15.10 -4.22 -8.46
N ALA A 178 -15.69 -5.10 -9.25
CA ALA A 178 -17.13 -5.14 -9.41
C ALA A 178 -17.83 -5.38 -8.07
N ARG A 179 -17.22 -6.19 -7.20
CA ARG A 179 -17.82 -6.52 -5.92
C ARG A 179 -17.65 -5.33 -4.97
N ILE A 180 -16.53 -4.64 -5.07
CA ILE A 180 -16.29 -3.48 -4.24
C ILE A 180 -17.20 -2.35 -4.70
N LYS A 181 -17.42 -2.27 -6.00
CA LYS A 181 -18.29 -1.27 -6.58
C LYS A 181 -19.72 -1.44 -6.06
N SER A 182 -20.22 -2.67 -6.04
CA SER A 182 -21.59 -2.90 -5.61
C SER A 182 -21.73 -2.72 -4.10
N SER A 183 -20.66 -2.96 -3.34
CA SER A 183 -20.64 -2.61 -1.93
C SER A 183 -20.77 -1.11 -1.69
N LEU A 184 -19.95 -0.33 -2.38
CA LEU A 184 -19.99 1.14 -2.26
C LEU A 184 -21.38 1.66 -2.63
N GLU A 185 -22.00 1.04 -3.61
CA GLU A 185 -23.29 1.50 -4.09
C GLU A 185 -24.39 1.27 -3.05
N ALA A 186 -24.16 0.37 -2.09
CA ALA A 186 -25.13 0.16 -1.01
C ALA A 186 -25.30 1.41 -0.13
N ASN A 187 -24.34 2.35 -0.24
CA ASN A 187 -24.44 3.63 0.45
C ASN A 187 -25.44 4.57 -0.19
N GLY A 188 -25.82 4.30 -1.43
CA GLY A 188 -26.74 5.15 -2.18
C GLY A 188 -26.00 6.22 -2.97
N ALA A 189 -26.69 6.86 -3.93
CA ALA A 189 -26.03 7.82 -4.81
C ALA A 189 -25.47 9.01 -4.02
N GLY A 190 -24.32 9.51 -4.46
CA GLY A 190 -23.67 10.61 -3.77
C GLY A 190 -22.89 10.19 -2.56
N LYS A 191 -22.99 8.91 -2.21
CA LYS A 191 -22.24 8.38 -1.06
C LYS A 191 -21.41 7.17 -1.47
N ASP A 192 -21.29 6.92 -2.77
CA ASP A 192 -20.74 5.65 -3.25
C ASP A 192 -19.29 5.71 -3.75
N LEU A 193 -18.48 6.55 -3.14
CA LEU A 193 -17.05 6.65 -3.47
C LEU A 193 -16.16 6.54 -2.23
N LEU A 194 -16.78 6.33 -1.07
CA LEU A 194 -16.06 6.17 0.19
C LEU A 194 -16.82 5.12 0.95
N LEU A 195 -16.11 4.22 1.64
CA LEU A 195 -16.79 3.13 2.33
C LEU A 195 -17.86 3.65 3.29
N MET A 196 -17.57 4.74 4.00
CA MET A 196 -18.56 5.32 4.92
C MET A 196 -19.34 6.47 4.30
N GLY A 197 -19.20 6.66 3.00
CA GLY A 197 -20.03 7.60 2.28
C GLY A 197 -19.53 9.04 2.30
N ASP A 198 -19.24 9.56 3.49
CA ASP A 198 -18.89 10.98 3.59
C ASP A 198 -17.65 11.26 4.44
N ARG A 199 -16.87 10.23 4.71
CA ARG A 199 -15.62 10.41 5.43
C ARG A 199 -14.63 9.33 4.97
N VAL A 200 -13.35 9.59 5.17
CA VAL A 200 -12.31 8.64 4.80
C VAL A 200 -11.98 7.73 5.99
N THR A 201 -11.81 6.45 5.74
CA THR A 201 -11.32 5.54 6.76
C THR A 201 -10.02 4.92 6.29
N PHE A 202 -9.34 4.20 7.18
CA PHE A 202 -8.11 3.53 6.80
C PHE A 202 -8.38 2.54 5.67
N ALA A 203 -9.52 1.85 5.73
CA ALA A 203 -9.92 0.93 4.68
C ALA A 203 -9.93 1.57 3.27
N ASP A 204 -10.39 2.81 3.15
CA ASP A 204 -10.36 3.51 1.86
C ASP A 204 -8.93 3.74 1.39
N LEU A 205 -8.08 4.13 2.33
CA LEU A 205 -6.68 4.35 2.00
C LEU A 205 -5.96 3.05 1.62
N GLN A 206 -6.37 1.94 2.22
CA GLN A 206 -5.83 0.64 1.85
C GLN A 206 -6.16 0.29 0.39
N LEU A 207 -7.38 0.59 -0.05
CA LEU A 207 -7.74 0.34 -1.45
C LEU A 207 -6.94 1.26 -2.35
N ALA A 208 -6.86 2.54 -1.97
CA ALA A 208 -6.07 3.50 -2.73
C ALA A 208 -4.60 3.07 -2.84
N SER A 209 -4.08 2.41 -1.81
CA SER A 209 -2.67 2.00 -1.82
C SER A 209 -2.42 0.97 -2.92
N LEU A 210 -3.40 0.10 -3.16
CA LEU A 210 -3.32 -0.90 -4.21
C LEU A 210 -3.33 -0.20 -5.56
N PHE A 211 -4.16 0.83 -5.67
CA PHE A 211 -4.30 1.53 -6.94
C PHE A 211 -3.02 2.33 -7.26
N ILE A 212 -2.53 3.09 -6.29
CA ILE A 212 -1.33 3.90 -6.52
C ILE A 212 -0.11 3.02 -6.82
N TRP A 213 -0.09 1.81 -6.26
CA TRP A 213 0.97 0.85 -6.56
C TRP A 213 0.96 0.53 -8.05
N LEU A 214 -0.24 0.30 -8.58
CA LEU A 214 -0.40 0.07 -10.02
C LEU A 214 0.10 1.26 -10.82
N ARG A 215 -0.37 2.45 -10.46
CA ARG A 215 -0.05 3.67 -11.20
C ARG A 215 1.46 3.95 -11.23
N VAL A 216 2.11 3.82 -10.08
CA VAL A 216 3.54 4.09 -9.98
C VAL A 216 4.35 3.00 -10.69
N SER A 217 3.97 1.75 -10.50
CA SER A 217 4.69 0.63 -11.11
C SER A 217 4.58 0.63 -12.63
N ALA A 218 3.36 0.81 -13.12
CA ALA A 218 3.09 0.76 -14.55
C ALA A 218 3.42 2.08 -15.22
N GLY A 219 3.21 3.18 -14.50
CA GLY A 219 3.47 4.51 -15.05
C GLY A 219 2.16 5.23 -15.31
N GLU A 220 2.07 6.48 -14.86
CA GLU A 220 0.81 7.22 -14.96
C GLU A 220 0.35 7.38 -16.41
N GLU A 221 1.29 7.26 -17.33
CA GLU A 221 1.00 7.44 -18.74
C GLU A 221 0.88 6.12 -19.51
N SER A 222 1.04 5.01 -18.82
CA SER A 222 1.03 3.71 -19.49
C SER A 222 -0.36 3.31 -20.01
N GLU A 223 -0.37 2.34 -20.92
CA GLU A 223 -1.63 1.81 -21.44
C GLU A 223 -2.40 1.12 -20.31
N ASP A 224 -1.64 0.43 -19.46
CA ASP A 224 -2.21 -0.26 -18.31
C ASP A 224 -2.90 0.67 -17.32
N TRP A 225 -2.30 1.81 -17.02
CA TRP A 225 -2.95 2.76 -16.13
C TRP A 225 -4.15 3.40 -16.81
N LYS A 226 -4.03 3.61 -18.12
CA LYS A 226 -5.11 4.20 -18.88
C LYS A 226 -6.29 3.25 -18.88
N ARG A 227 -5.99 1.96 -18.92
CA ARG A 227 -7.01 0.92 -18.92
C ARG A 227 -7.70 0.82 -17.56
N PHE A 228 -6.92 1.04 -16.50
CA PHE A 228 -7.48 1.00 -15.16
C PHE A 228 -8.46 2.15 -14.97
N LEU A 229 -8.07 3.34 -15.44
CA LEU A 229 -8.91 4.52 -15.31
C LEU A 229 -10.20 4.41 -16.14
N SER A 230 -10.26 3.41 -17.02
CA SER A 230 -11.43 3.23 -17.87
CA SER A 230 -11.41 3.20 -17.90
C SER A 230 -12.43 2.24 -17.28
N LEU A 231 -11.96 1.36 -16.39
CA LEU A 231 -12.80 0.35 -15.76
C LEU A 231 -14.01 0.97 -15.08
N HIS A 232 -15.18 0.37 -15.29
CA HIS A 232 -16.41 0.76 -14.59
C HIS A 232 -16.76 2.24 -14.78
N GLU A 233 -16.64 2.67 -16.04
CA GLU A 233 -16.99 4.02 -16.47
C GLU A 233 -16.24 5.07 -15.67
N GLY A 234 -14.99 4.76 -15.35
CA GLY A 234 -14.11 5.68 -14.65
C GLY A 234 -14.30 5.79 -13.15
N LYS A 235 -14.99 4.83 -12.53
CA LYS A 235 -15.28 4.93 -11.11
C LYS A 235 -14.01 5.03 -10.24
N TRP A 236 -12.98 4.27 -10.60
CA TRP A 236 -11.77 4.21 -9.79
C TRP A 236 -10.87 5.41 -10.04
N ALA A 237 -11.05 6.03 -11.20
CA ALA A 237 -10.43 7.32 -11.48
C ALA A 237 -11.03 8.36 -10.51
N LYS A 238 -12.37 8.39 -10.45
CA LYS A 238 -13.06 9.25 -9.50
C LYS A 238 -12.68 8.91 -8.04
N PHE A 239 -12.53 7.62 -7.75
CA PHE A 239 -12.10 7.22 -6.41
C PHE A 239 -10.72 7.78 -6.08
N MET A 240 -9.76 7.61 -6.98
CA MET A 240 -8.38 8.03 -6.72
C MET A 240 -8.20 9.54 -6.67
N GLN A 241 -9.06 10.26 -7.38
CA GLN A 241 -8.99 11.72 -7.41
C GLN A 241 -9.22 12.30 -6.01
N GLN A 242 -9.94 11.57 -5.16
CA GLN A 242 -10.16 12.01 -3.78
C GLN A 242 -8.89 12.02 -2.93
N PHE A 243 -7.88 11.29 -3.38
CA PHE A 243 -6.69 11.13 -2.54
C PHE A 243 -5.44 11.81 -3.10
N ALA A 244 -5.63 12.56 -4.19
CA ALA A 244 -4.55 13.27 -4.87
C ALA A 244 -3.76 14.20 -3.95
N ALA A 245 -4.42 14.78 -2.96
CA ALA A 245 -3.73 15.73 -2.08
C ALA A 245 -2.90 15.03 -1.01
N TYR A 246 -3.00 13.71 -0.95
CA TYR A 246 -2.35 12.96 0.12
C TYR A 246 -1.22 12.08 -0.39
N GLU A 247 -0.63 12.47 -1.53
CA GLU A 247 0.39 11.68 -2.20
C GLU A 247 1.78 12.34 -2.25
N PHE A 248 2.06 13.20 -1.28
CA PHE A 248 3.37 13.83 -1.19
C PHE A 248 4.43 12.79 -0.89
N VAL A 249 5.53 12.87 -1.63
CA VAL A 249 6.69 12.02 -1.42
C VAL A 249 7.90 12.92 -1.21
N ASP A 250 8.66 12.67 -0.16
CA ASP A 250 9.83 13.50 0.16
C ASP A 250 11.09 12.99 -0.54
N VAL A 251 11.12 13.18 -1.86
CA VAL A 251 12.34 12.97 -2.64
C VAL A 251 12.63 14.24 -3.44
#